data_2ZUD
#
_entry.id   2ZUD
#
_cell.length_a   52.013
_cell.length_b   115.087
_cell.length_c   132.765
_cell.angle_alpha   90.00
_cell.angle_beta   90.00
_cell.angle_gamma   90.00
#
_symmetry.space_group_name_H-M   'P 21 21 21'
#
loop_
_entity.id
_entity.type
_entity.pdbx_description
1 polymer 'DNA repair and recombination protein radA'
2 water water
#
_entity_poly.entity_id   1
_entity_poly.type   'polypeptide(L)'
_entity_poly.pdbx_seq_one_letter_code
;MSNEVEQKKNIKTINDLPGISQTVINKLIEAGYSSLETLAVASPQDLSVAAGIPLSTAQKIIKEARDALDIRFKTALEVK
KERMNVKKISTGSQALDGLLAGGIETRTMTEFFGEFGSGKTQLCHQLSVNVQLPPEKGGLSGKAVYIDTEGTFRWERIEN
MAKALGLDIDNVMNNIYYIRAINTDHQIAIVDDLQELVSKDPSIKLIVVDSVTSHFRAEYPGRENLAVRQQKLNKHLHQL
TRLAEVYDIAVIITNQVMARPDMFYGDPTVAVGGHTLYHVPGIRIQLKKSRGNRRIARVVDAPHLPEGEVVFALTEEGIR
DAEE
;
_entity_poly.pdbx_strand_id   A,B
#
# COMPACT_ATOMS: atom_id res chain seq x y z
N ILE A 11 -25.77 0.30 -24.14
CA ILE A 11 -26.13 0.19 -22.69
C ILE A 11 -25.63 -1.12 -22.10
N LYS A 12 -25.76 -1.25 -20.79
CA LYS A 12 -25.34 -2.44 -20.06
C LYS A 12 -26.49 -2.84 -19.16
N THR A 13 -26.31 -3.95 -18.45
CA THR A 13 -27.33 -4.40 -17.52
C THR A 13 -28.76 -4.53 -18.04
N ILE A 14 -29.42 -5.60 -17.60
CA ILE A 14 -30.79 -5.87 -18.00
C ILE A 14 -31.80 -4.83 -17.53
N ASN A 15 -31.65 -4.37 -16.29
CA ASN A 15 -32.56 -3.38 -15.71
C ASN A 15 -32.72 -2.18 -16.62
N ASP A 16 -31.79 -2.03 -17.56
CA ASP A 16 -31.80 -0.91 -18.48
C ASP A 16 -32.42 -1.29 -19.83
N LEU A 17 -33.04 -2.45 -19.89
CA LEU A 17 -33.67 -2.91 -21.13
C LEU A 17 -34.95 -2.14 -21.39
N PRO A 18 -35.07 -1.58 -22.58
CA PRO A 18 -36.25 -0.80 -22.99
C PRO A 18 -37.54 -1.61 -22.92
N GLY A 19 -38.68 -0.92 -22.92
CA GLY A 19 -39.99 -1.58 -22.87
C GLY A 19 -40.07 -2.87 -22.07
N ILE A 20 -39.38 -2.89 -20.94
CA ILE A 20 -39.37 -4.08 -20.09
C ILE A 20 -39.86 -3.77 -18.67
N SER A 21 -40.81 -4.57 -18.23
CA SER A 21 -41.39 -4.43 -16.91
C SER A 21 -40.32 -4.75 -15.88
N GLN A 22 -40.40 -4.14 -14.69
CA GLN A 22 -39.44 -4.39 -13.63
C GLN A 22 -39.82 -5.65 -12.87
N THR A 23 -40.95 -6.25 -13.25
CA THR A 23 -41.39 -7.47 -12.59
C THR A 23 -40.68 -8.67 -13.26
N VAL A 24 -40.56 -8.64 -14.60
CA VAL A 24 -39.90 -9.73 -15.32
C VAL A 24 -38.40 -9.67 -15.04
N ILE A 25 -37.89 -8.46 -14.87
CA ILE A 25 -36.48 -8.28 -14.61
C ILE A 25 -36.02 -9.15 -13.44
N ASN A 26 -36.97 -9.53 -12.59
CA ASN A 26 -36.63 -10.36 -11.46
C ASN A 26 -36.60 -11.79 -11.95
N LYS A 27 -37.69 -12.19 -12.59
CA LYS A 27 -37.85 -13.54 -13.11
C LYS A 27 -36.70 -13.90 -14.02
N LEU A 28 -36.01 -12.88 -14.51
CA LEU A 28 -34.87 -13.09 -15.38
C LEU A 28 -33.63 -13.27 -14.56
N ILE A 29 -33.56 -12.58 -13.43
CA ILE A 29 -32.38 -12.70 -12.60
C ILE A 29 -32.56 -13.85 -11.62
N GLU A 30 -33.79 -14.29 -11.48
CA GLU A 30 -34.11 -15.41 -10.62
C GLU A 30 -33.95 -16.70 -11.41
N ALA A 31 -33.80 -16.57 -12.72
CA ALA A 31 -33.64 -17.72 -13.58
C ALA A 31 -32.16 -17.92 -13.94
N GLY A 32 -31.33 -16.96 -13.54
CA GLY A 32 -29.91 -17.04 -13.84
C GLY A 32 -29.43 -16.28 -15.07
N TYR A 33 -30.24 -15.34 -15.58
CA TYR A 33 -29.92 -14.52 -16.76
C TYR A 33 -29.46 -13.11 -16.37
N SER A 34 -28.23 -13.01 -15.86
CA SER A 34 -27.67 -11.75 -15.37
C SER A 34 -27.05 -10.81 -16.40
N SER A 35 -26.33 -11.41 -17.35
CA SER A 35 -25.62 -10.71 -18.43
C SER A 35 -26.40 -10.60 -19.71
N LEU A 36 -26.24 -9.48 -20.41
CA LEU A 36 -26.93 -9.29 -21.66
C LEU A 36 -26.40 -10.21 -22.74
N GLU A 37 -25.08 -10.45 -22.77
CA GLU A 37 -24.56 -11.32 -23.81
C GLU A 37 -25.00 -12.73 -23.68
N THR A 38 -25.48 -13.08 -22.51
CA THR A 38 -25.99 -14.42 -22.29
C THR A 38 -27.42 -14.47 -22.81
N LEU A 39 -28.13 -13.37 -22.67
CA LEU A 39 -29.49 -13.26 -23.16
C LEU A 39 -29.47 -13.15 -24.67
N ALA A 40 -28.56 -12.35 -25.19
CA ALA A 40 -28.46 -12.13 -26.62
C ALA A 40 -28.42 -13.38 -27.48
N VAL A 41 -27.98 -14.49 -26.90
CA VAL A 41 -27.89 -15.71 -27.69
C VAL A 41 -28.74 -16.88 -27.22
N ALA A 42 -29.67 -16.61 -26.29
CA ALA A 42 -30.53 -17.65 -25.77
C ALA A 42 -31.68 -17.89 -26.73
N SER A 43 -32.40 -19.00 -26.53
CA SER A 43 -33.53 -19.32 -27.40
C SER A 43 -34.82 -18.81 -26.77
N PRO A 44 -35.58 -17.99 -27.51
CA PRO A 44 -36.81 -17.48 -26.93
C PRO A 44 -37.60 -18.56 -26.20
N GLN A 45 -37.80 -19.70 -26.85
CA GLN A 45 -38.55 -20.79 -26.22
C GLN A 45 -38.00 -21.15 -24.84
N ASP A 46 -36.74 -21.58 -24.77
CA ASP A 46 -36.15 -21.94 -23.49
C ASP A 46 -36.16 -20.80 -22.48
N LEU A 47 -36.08 -19.56 -22.96
CA LEU A 47 -36.11 -18.44 -22.02
C LEU A 47 -37.51 -18.29 -21.44
N SER A 48 -38.52 -18.50 -22.30
CA SER A 48 -39.92 -18.40 -21.90
C SER A 48 -40.22 -19.38 -20.77
N VAL A 49 -39.76 -20.62 -20.94
CA VAL A 49 -39.95 -21.67 -19.96
C VAL A 49 -39.13 -21.51 -18.68
N ALA A 50 -37.85 -21.16 -18.85
CA ALA A 50 -36.96 -21.00 -17.71
C ALA A 50 -37.26 -19.77 -16.85
N ALA A 51 -37.76 -18.71 -17.47
CA ALA A 51 -38.04 -17.51 -16.71
C ALA A 51 -39.51 -17.41 -16.37
N GLY A 52 -40.31 -18.21 -17.04
CA GLY A 52 -41.73 -18.16 -16.79
C GLY A 52 -42.25 -16.82 -17.28
N ILE A 53 -42.01 -16.55 -18.56
CA ILE A 53 -42.40 -15.31 -19.18
C ILE A 53 -43.03 -15.62 -20.55
N PRO A 54 -44.01 -14.81 -20.99
CA PRO A 54 -44.69 -15.03 -22.27
C PRO A 54 -43.69 -15.15 -23.40
N LEU A 55 -43.83 -16.19 -24.22
CA LEU A 55 -42.92 -16.38 -25.33
C LEU A 55 -42.66 -15.09 -26.11
N SER A 56 -43.72 -14.35 -26.41
CA SER A 56 -43.57 -13.12 -27.16
C SER A 56 -42.59 -12.15 -26.53
N THR A 57 -42.49 -12.16 -25.21
CA THR A 57 -41.60 -11.23 -24.52
C THR A 57 -40.18 -11.73 -24.47
N ALA A 58 -40.02 -13.05 -24.55
CA ALA A 58 -38.69 -13.65 -24.55
C ALA A 58 -37.99 -13.15 -25.81
N GLN A 59 -38.61 -13.43 -26.94
CA GLN A 59 -38.07 -13.00 -28.23
C GLN A 59 -37.79 -11.50 -28.22
N LYS A 60 -38.39 -10.77 -27.30
CA LYS A 60 -38.14 -9.33 -27.23
C LYS A 60 -36.90 -9.03 -26.42
N ILE A 61 -36.84 -9.51 -25.18
CA ILE A 61 -35.67 -9.22 -24.38
C ILE A 61 -34.44 -9.77 -25.02
N ILE A 62 -34.61 -10.77 -25.89
CA ILE A 62 -33.48 -11.34 -26.59
C ILE A 62 -33.10 -10.39 -27.72
N LYS A 63 -34.10 -9.79 -28.36
CA LYS A 63 -33.84 -8.82 -29.43
C LYS A 63 -33.15 -7.63 -28.77
N GLU A 64 -33.81 -7.05 -27.76
CA GLU A 64 -33.26 -5.90 -27.06
C GLU A 64 -31.87 -6.22 -26.52
N ALA A 65 -31.64 -7.46 -26.10
CA ALA A 65 -30.35 -7.88 -25.55
C ALA A 65 -29.27 -8.00 -26.59
N ARG A 66 -29.59 -8.63 -27.70
CA ARG A 66 -28.62 -8.79 -28.75
C ARG A 66 -28.26 -7.41 -29.26
N ASP A 67 -29.28 -6.59 -29.43
CA ASP A 67 -29.10 -5.22 -29.93
C ASP A 67 -28.24 -4.39 -28.99
N ALA A 68 -28.30 -4.71 -27.73
CA ALA A 68 -27.53 -4.01 -26.74
C ALA A 68 -26.03 -4.27 -26.88
N LEU A 69 -25.67 -5.26 -27.68
CA LEU A 69 -24.28 -5.60 -27.87
C LEU A 69 -23.63 -4.64 -28.84
N ASP A 70 -24.45 -4.07 -29.71
CA ASP A 70 -24.01 -3.11 -30.74
C ASP A 70 -23.05 -3.74 -31.75
N ILE A 71 -23.50 -4.76 -32.45
CA ILE A 71 -22.65 -5.40 -33.44
C ILE A 71 -22.69 -4.60 -34.72
N ARG A 72 -21.51 -4.15 -35.14
CA ARG A 72 -21.39 -3.38 -36.37
C ARG A 72 -20.45 -3.97 -37.42
N PHE A 73 -20.99 -4.34 -38.57
CA PHE A 73 -20.17 -4.88 -39.66
C PHE A 73 -19.47 -3.78 -40.50
N LYS A 74 -18.35 -3.28 -40.00
CA LYS A 74 -17.63 -2.27 -40.74
C LYS A 74 -16.78 -2.86 -41.87
N THR A 75 -16.32 -2.01 -42.77
CA THR A 75 -15.48 -2.46 -43.86
C THR A 75 -14.07 -2.50 -43.32
N ALA A 76 -13.27 -3.36 -43.91
CA ALA A 76 -11.89 -3.53 -43.50
C ALA A 76 -11.13 -2.21 -43.61
N LEU A 77 -11.50 -1.37 -44.57
CA LEU A 77 -10.85 -0.08 -44.73
C LEU A 77 -11.22 0.85 -43.60
N GLU A 78 -12.51 1.06 -43.42
CA GLU A 78 -13.04 1.94 -42.38
C GLU A 78 -12.46 1.60 -41.02
N VAL A 79 -12.23 0.32 -40.79
CA VAL A 79 -11.70 -0.13 -39.51
C VAL A 79 -10.27 0.31 -39.39
N LYS A 80 -9.49 0.05 -40.42
CA LYS A 80 -8.09 0.44 -40.45
C LYS A 80 -7.96 1.94 -40.13
N LYS A 81 -8.90 2.74 -40.64
CA LYS A 81 -8.89 4.18 -40.40
C LYS A 81 -8.98 4.53 -38.95
N GLU A 82 -9.90 3.89 -38.25
CA GLU A 82 -10.08 4.16 -36.83
C GLU A 82 -8.93 3.72 -35.93
N ARG A 83 -8.08 2.80 -36.38
CA ARG A 83 -6.98 2.35 -35.55
C ARG A 83 -5.80 3.33 -35.52
N MET A 84 -5.63 4.10 -36.60
CA MET A 84 -4.55 5.10 -36.65
C MET A 84 -5.07 6.33 -35.93
N ASN A 85 -6.38 6.50 -35.96
CA ASN A 85 -7.07 7.61 -35.33
C ASN A 85 -6.92 7.61 -33.79
N VAL A 86 -6.63 6.45 -33.23
CA VAL A 86 -6.48 6.33 -31.77
C VAL A 86 -5.28 5.50 -31.28
N LYS A 87 -4.78 5.87 -30.10
CA LYS A 87 -3.63 5.17 -29.51
C LYS A 87 -3.90 4.66 -28.07
N LYS A 88 -3.75 3.36 -27.90
CA LYS A 88 -3.98 2.67 -26.63
C LYS A 88 -2.82 1.75 -26.24
N ILE A 89 -2.73 1.40 -24.97
CA ILE A 89 -1.67 0.50 -24.53
C ILE A 89 -2.30 -0.88 -24.45
N SER A 90 -1.63 -1.87 -25.02
CA SER A 90 -2.20 -3.20 -24.99
C SER A 90 -1.83 -3.93 -23.73
N THR A 91 -2.80 -4.68 -23.26
CA THR A 91 -2.69 -5.43 -22.04
C THR A 91 -1.83 -6.67 -22.14
N GLY A 92 -1.64 -7.16 -23.35
CA GLY A 92 -0.83 -8.36 -23.47
C GLY A 92 -1.66 -9.59 -23.74
N SER A 93 -2.96 -9.38 -23.69
CA SER A 93 -3.93 -10.44 -23.95
C SER A 93 -4.87 -9.88 -24.99
N GLN A 94 -4.86 -10.47 -26.18
CA GLN A 94 -5.71 -9.99 -27.27
C GLN A 94 -7.17 -10.00 -26.78
N ALA A 95 -7.47 -10.99 -25.95
CA ALA A 95 -8.80 -11.12 -25.38
C ALA A 95 -9.10 -9.82 -24.67
N LEU A 96 -8.38 -9.60 -23.57
CA LEU A 96 -8.53 -8.40 -22.76
C LEU A 96 -8.51 -7.13 -23.63
N ASP A 97 -7.63 -7.11 -24.63
CA ASP A 97 -7.58 -5.95 -25.49
C ASP A 97 -8.91 -5.81 -26.19
N GLY A 98 -9.37 -6.88 -26.81
CA GLY A 98 -10.64 -6.84 -27.51
C GLY A 98 -11.74 -6.30 -26.62
N LEU A 99 -11.79 -6.85 -25.40
CA LEU A 99 -12.80 -6.42 -24.45
C LEU A 99 -12.73 -4.92 -24.28
N LEU A 100 -11.50 -4.43 -24.19
CA LEU A 100 -11.26 -3.02 -23.98
C LEU A 100 -11.16 -2.23 -25.30
N ALA A 101 -11.68 -2.80 -26.37
CA ALA A 101 -11.69 -2.12 -27.66
C ALA A 101 -10.33 -1.62 -28.12
N GLY A 102 -9.27 -2.33 -27.77
CA GLY A 102 -7.95 -1.90 -28.18
C GLY A 102 -6.92 -1.96 -27.08
N GLY A 103 -7.22 -1.39 -25.93
CA GLY A 103 -6.26 -1.41 -24.84
C GLY A 103 -6.58 -0.31 -23.86
N ILE A 104 -5.59 0.08 -23.06
CA ILE A 104 -5.83 1.13 -22.09
C ILE A 104 -5.76 2.47 -22.81
N GLU A 105 -6.81 3.27 -22.72
CA GLU A 105 -6.88 4.59 -23.35
C GLU A 105 -6.23 5.68 -22.51
N THR A 106 -5.79 6.74 -23.19
CA THR A 106 -5.19 7.89 -22.51
C THR A 106 -6.32 8.88 -22.33
N ARG A 107 -6.03 10.07 -21.82
CA ARG A 107 -7.06 11.07 -21.59
C ARG A 107 -8.22 10.47 -20.78
N THR A 108 -7.92 9.36 -20.07
CA THR A 108 -8.90 8.67 -19.23
C THR A 108 -8.32 7.69 -18.19
N MET A 109 -9.09 7.53 -17.12
CA MET A 109 -8.78 6.71 -15.98
C MET A 109 -9.57 5.40 -16.05
N THR A 110 -8.87 4.28 -15.93
CA THR A 110 -9.49 2.96 -15.95
C THR A 110 -9.24 2.25 -14.62
N GLU A 111 -10.30 1.71 -14.04
CA GLU A 111 -10.16 1.02 -12.76
C GLU A 111 -10.24 -0.46 -12.97
N PHE A 112 -9.47 -1.23 -12.18
CA PHE A 112 -9.48 -2.68 -12.24
C PHE A 112 -9.70 -3.11 -10.84
N PHE A 113 -10.87 -3.67 -10.53
CA PHE A 113 -11.16 -4.10 -9.17
C PHE A 113 -11.52 -5.53 -9.05
N GLY A 114 -11.25 -6.10 -7.88
CA GLY A 114 -11.55 -7.49 -7.66
C GLY A 114 -10.86 -8.02 -6.43
N GLU A 115 -11.10 -9.30 -6.15
CA GLU A 115 -10.52 -9.95 -4.99
C GLU A 115 -9.02 -10.08 -5.16
N PHE A 116 -8.32 -10.28 -4.05
CA PHE A 116 -6.87 -10.43 -4.06
C PHE A 116 -6.44 -11.60 -4.95
N GLY A 117 -5.50 -11.34 -5.85
CA GLY A 117 -5.03 -12.39 -6.73
C GLY A 117 -5.86 -12.58 -7.99
N SER A 118 -6.72 -11.62 -8.29
CA SER A 118 -7.56 -11.68 -9.48
C SER A 118 -6.77 -11.31 -10.72
N GLY A 119 -5.59 -10.73 -10.51
CA GLY A 119 -4.76 -10.36 -11.62
C GLY A 119 -4.58 -8.89 -11.74
N LYS A 120 -5.08 -8.11 -10.79
CA LYS A 120 -4.92 -6.68 -10.92
C LYS A 120 -3.49 -6.18 -10.79
N THR A 121 -2.73 -6.79 -9.90
CA THR A 121 -1.34 -6.36 -9.75
C THR A 121 -0.56 -6.67 -11.02
N GLN A 122 -0.50 -7.94 -11.37
CA GLN A 122 0.20 -8.38 -12.55
C GLN A 122 -0.12 -7.46 -13.70
N LEU A 123 -1.40 -7.14 -13.85
CA LEU A 123 -1.89 -6.27 -14.92
C LEU A 123 -1.20 -4.91 -14.89
N CYS A 124 -1.10 -4.34 -13.69
CA CYS A 124 -0.44 -3.06 -13.51
C CYS A 124 1.01 -3.09 -13.94
N HIS A 125 1.70 -4.13 -13.54
CA HIS A 125 3.08 -4.28 -13.92
C HIS A 125 3.13 -4.40 -15.44
N GLN A 126 2.37 -5.36 -15.96
CA GLN A 126 2.35 -5.60 -17.40
C GLN A 126 2.18 -4.32 -18.21
N LEU A 127 1.31 -3.43 -17.73
CA LEU A 127 1.08 -2.18 -18.43
C LEU A 127 2.22 -1.21 -18.19
N SER A 128 2.95 -1.38 -17.11
CA SER A 128 4.04 -0.46 -16.87
C SER A 128 5.21 -0.83 -17.72
N VAL A 129 5.00 -1.75 -18.64
CA VAL A 129 6.07 -2.15 -19.52
C VAL A 129 5.67 -1.99 -20.96
N ASN A 130 4.50 -2.51 -21.30
CA ASN A 130 4.03 -2.38 -22.66
C ASN A 130 4.01 -0.92 -23.05
N VAL A 131 3.74 -0.05 -22.07
CA VAL A 131 3.68 1.41 -22.30
C VAL A 131 4.92 1.90 -23.00
N GLN A 132 6.05 1.33 -22.62
CA GLN A 132 7.31 1.73 -23.20
C GLN A 132 7.44 1.30 -24.68
N LEU A 133 6.72 0.24 -25.09
CA LEU A 133 6.78 -0.25 -26.47
C LEU A 133 6.22 0.72 -27.50
N PRO A 134 6.61 0.54 -28.77
CA PRO A 134 6.17 1.40 -29.89
C PRO A 134 4.78 1.03 -30.37
N PRO A 135 4.01 2.03 -30.84
CA PRO A 135 2.65 1.82 -31.34
C PRO A 135 2.44 0.55 -32.17
N GLU A 136 3.49 0.13 -32.86
CA GLU A 136 3.39 -1.07 -33.68
C GLU A 136 3.28 -2.31 -32.78
N LYS A 137 3.98 -2.31 -31.66
CA LYS A 137 3.94 -3.46 -30.77
C LYS A 137 2.94 -3.35 -29.62
N GLY A 138 2.18 -2.26 -29.60
CA GLY A 138 1.17 -2.12 -28.56
C GLY A 138 1.38 -1.03 -27.56
N GLY A 139 2.48 -0.30 -27.62
CA GLY A 139 2.72 0.76 -26.65
C GLY A 139 2.52 2.20 -27.13
N LEU A 140 3.23 3.11 -26.46
CA LEU A 140 3.15 4.53 -26.80
C LEU A 140 4.51 5.22 -26.66
N SER A 141 5.58 4.42 -26.63
CA SER A 141 6.94 4.94 -26.51
C SER A 141 6.95 6.00 -25.40
N GLY A 142 6.49 5.61 -24.20
CA GLY A 142 6.43 6.53 -23.08
C GLY A 142 6.88 5.88 -21.79
N LYS A 143 6.84 6.65 -20.70
CA LYS A 143 7.26 6.17 -19.39
C LYS A 143 6.07 5.95 -18.45
N ALA A 144 6.35 5.45 -17.25
CA ALA A 144 5.26 5.20 -16.33
C ALA A 144 5.60 5.55 -14.90
N VAL A 145 4.57 5.96 -14.17
CA VAL A 145 4.71 6.35 -12.77
C VAL A 145 3.90 5.33 -11.99
N TYR A 146 4.59 4.56 -11.18
CA TYR A 146 3.98 3.53 -10.40
C TYR A 146 3.90 3.96 -8.95
N ILE A 147 2.74 4.47 -8.54
CA ILE A 147 2.55 4.89 -7.15
C ILE A 147 2.15 3.66 -6.34
N ASP A 148 3.08 3.21 -5.50
CA ASP A 148 2.90 2.01 -4.71
C ASP A 148 2.31 2.22 -3.34
N THR A 149 1.04 1.92 -3.24
CA THR A 149 0.25 2.10 -2.05
C THR A 149 0.48 1.10 -0.95
N GLU A 150 0.44 -0.19 -1.30
CA GLU A 150 0.63 -1.22 -0.28
C GLU A 150 1.88 -2.08 -0.38
N GLY A 151 2.89 -1.61 -1.10
CA GLY A 151 4.13 -2.33 -1.29
C GLY A 151 3.91 -3.60 -2.09
N THR A 152 3.45 -3.45 -3.34
CA THR A 152 3.18 -4.61 -4.16
C THR A 152 4.15 -4.74 -5.32
N PHE A 153 4.83 -3.65 -5.65
CA PHE A 153 5.76 -3.66 -6.77
C PHE A 153 6.81 -4.73 -6.68
N ARG A 154 6.83 -5.62 -7.67
CA ARG A 154 7.80 -6.70 -7.72
C ARG A 154 8.80 -6.43 -8.84
N TRP A 155 9.93 -5.83 -8.49
CA TRP A 155 10.93 -5.55 -9.50
C TRP A 155 11.34 -6.81 -10.24
N GLU A 156 10.86 -7.97 -9.77
CA GLU A 156 11.18 -9.23 -10.41
C GLU A 156 10.19 -9.44 -11.53
N ARG A 157 8.94 -9.21 -11.21
CA ARG A 157 7.86 -9.39 -12.18
C ARG A 157 8.04 -8.45 -13.38
N ILE A 158 8.65 -7.29 -13.17
CA ILE A 158 8.88 -6.36 -14.26
C ILE A 158 9.94 -6.98 -15.12
N GLU A 159 10.82 -7.73 -14.48
CA GLU A 159 11.93 -8.39 -15.16
C GLU A 159 11.44 -9.46 -16.12
N ASN A 160 10.78 -10.49 -15.59
CA ASN A 160 10.29 -11.54 -16.45
C ASN A 160 9.51 -10.88 -17.60
N MET A 161 8.50 -10.08 -17.28
CA MET A 161 7.71 -9.40 -18.31
C MET A 161 8.63 -8.78 -19.35
N ALA A 162 9.69 -8.14 -18.87
CA ALA A 162 10.63 -7.49 -19.77
C ALA A 162 11.28 -8.49 -20.71
N LYS A 163 11.91 -9.53 -20.14
CA LYS A 163 12.59 -10.55 -20.94
C LYS A 163 11.71 -11.01 -22.09
N ALA A 164 10.62 -11.69 -21.77
CA ALA A 164 9.67 -12.22 -22.74
C ALA A 164 9.39 -11.29 -23.92
N LEU A 165 9.71 -10.01 -23.75
CA LEU A 165 9.53 -9.00 -24.79
C LEU A 165 10.86 -8.70 -25.51
N GLY A 166 11.91 -9.35 -25.02
CA GLY A 166 13.23 -9.18 -25.58
C GLY A 166 13.78 -7.79 -25.32
N LEU A 167 13.20 -7.11 -24.32
CA LEU A 167 13.61 -5.76 -23.94
C LEU A 167 14.79 -5.74 -22.96
N ASP A 168 15.34 -4.55 -22.71
CA ASP A 168 16.48 -4.39 -21.81
C ASP A 168 16.03 -4.17 -20.36
N ILE A 169 16.12 -5.23 -19.55
CA ILE A 169 15.70 -5.17 -18.14
C ILE A 169 15.96 -3.82 -17.49
N ASP A 170 17.23 -3.40 -17.44
CA ASP A 170 17.55 -2.12 -16.80
C ASP A 170 16.93 -0.90 -17.45
N ASN A 171 16.80 -0.90 -18.77
CA ASN A 171 16.22 0.24 -19.45
C ASN A 171 14.73 0.29 -19.13
N VAL A 172 14.14 -0.90 -19.03
CA VAL A 172 12.72 -0.99 -18.72
C VAL A 172 12.51 -0.37 -17.34
N MET A 173 13.26 -0.88 -16.37
CA MET A 173 13.15 -0.39 -15.02
C MET A 173 13.46 1.10 -14.91
N ASN A 174 14.28 1.61 -15.82
CA ASN A 174 14.64 3.02 -15.77
C ASN A 174 13.51 3.93 -16.26
N ASN A 175 12.52 3.36 -16.95
CA ASN A 175 11.40 4.15 -17.47
C ASN A 175 10.14 4.06 -16.61
N ILE A 176 10.30 3.52 -15.42
CA ILE A 176 9.19 3.37 -14.50
C ILE A 176 9.51 4.18 -13.28
N TYR A 177 8.78 5.27 -13.07
CA TYR A 177 9.02 6.11 -11.90
C TYR A 177 8.33 5.41 -10.78
N TYR A 178 9.01 5.27 -9.67
CA TYR A 178 8.43 4.57 -8.54
C TYR A 178 8.41 5.43 -7.30
N ILE A 179 7.39 5.25 -6.49
CA ILE A 179 7.29 5.96 -5.25
C ILE A 179 6.31 5.24 -4.37
N ARG A 180 6.73 5.01 -3.13
CA ARG A 180 5.89 4.34 -2.16
C ARG A 180 5.05 5.42 -1.50
N ALA A 181 3.75 5.16 -1.32
CA ALA A 181 2.81 6.09 -0.68
C ALA A 181 2.39 5.46 0.62
N ILE A 182 3.05 5.81 1.72
CA ILE A 182 2.74 5.17 3.00
C ILE A 182 1.38 5.40 3.64
N ASN A 183 0.70 6.48 3.27
CA ASN A 183 -0.64 6.76 3.81
C ASN A 183 -1.38 7.72 2.88
N THR A 184 -2.61 8.08 3.26
CA THR A 184 -3.41 8.99 2.43
C THR A 184 -2.77 10.35 2.20
N ASP A 185 -2.39 11.00 3.29
CA ASP A 185 -1.75 12.30 3.22
C ASP A 185 -0.65 12.25 2.18
N HIS A 186 0.29 11.31 2.31
CA HIS A 186 1.35 11.23 1.34
C HIS A 186 0.81 10.90 -0.05
N GLN A 187 -0.15 10.00 -0.12
CA GLN A 187 -0.73 9.59 -1.40
C GLN A 187 -1.30 10.82 -2.13
N ILE A 188 -2.04 11.64 -1.39
CA ILE A 188 -2.62 12.86 -1.90
C ILE A 188 -1.55 13.78 -2.44
N ALA A 189 -0.55 14.07 -1.59
CA ALA A 189 0.58 14.94 -1.93
C ALA A 189 1.26 14.43 -3.18
N ILE A 190 1.65 13.16 -3.18
CA ILE A 190 2.31 12.59 -4.34
C ILE A 190 1.50 12.88 -5.61
N VAL A 191 0.19 12.73 -5.54
CA VAL A 191 -0.64 13.01 -6.69
C VAL A 191 -0.56 14.49 -7.04
N ASP A 192 -0.61 15.33 -6.01
CA ASP A 192 -0.55 16.77 -6.24
C ASP A 192 0.73 17.19 -6.97
N ASP A 193 1.87 16.61 -6.60
CA ASP A 193 3.11 16.99 -7.27
C ASP A 193 3.25 16.35 -8.64
N LEU A 194 2.34 15.46 -8.97
CA LEU A 194 2.40 14.77 -10.24
C LEU A 194 2.36 15.79 -11.38
N GLN A 195 1.44 16.75 -11.31
CA GLN A 195 1.33 17.75 -12.37
C GLN A 195 2.68 18.30 -12.84
N GLU A 196 3.63 18.47 -11.91
CA GLU A 196 4.95 18.98 -12.27
C GLU A 196 5.69 17.93 -13.05
N LEU A 197 5.74 16.73 -12.49
CA LEU A 197 6.44 15.64 -13.13
C LEU A 197 6.08 15.54 -14.59
N VAL A 198 4.79 15.39 -14.89
CA VAL A 198 4.33 15.24 -16.27
C VAL A 198 4.75 16.40 -17.17
N SER A 199 4.82 17.59 -16.61
CA SER A 199 5.24 18.75 -17.38
C SER A 199 6.77 18.73 -17.51
N LYS A 200 7.44 18.24 -16.48
CA LYS A 200 8.90 18.14 -16.47
C LYS A 200 9.38 17.02 -17.39
N ASP A 201 8.54 16.02 -17.60
CA ASP A 201 8.88 14.89 -18.46
C ASP A 201 7.65 14.39 -19.21
N PRO A 202 7.28 15.05 -20.31
CA PRO A 202 6.14 14.73 -21.17
C PRO A 202 6.16 13.33 -21.82
N SER A 203 7.22 12.57 -21.54
CA SER A 203 7.40 11.22 -22.05
C SER A 203 6.50 10.29 -21.25
N ILE A 204 6.23 10.68 -20.02
CA ILE A 204 5.36 9.95 -19.13
C ILE A 204 4.01 9.77 -19.83
N LYS A 205 3.51 8.55 -19.88
CA LYS A 205 2.22 8.33 -20.52
C LYS A 205 1.32 7.44 -19.68
N LEU A 206 1.91 6.74 -18.72
CA LEU A 206 1.15 5.85 -17.85
C LEU A 206 1.27 6.11 -16.34
N ILE A 207 0.17 6.46 -15.70
CA ILE A 207 0.19 6.65 -14.27
C ILE A 207 -0.57 5.49 -13.67
N VAL A 208 0.10 4.76 -12.78
CA VAL A 208 -0.47 3.60 -12.12
C VAL A 208 -0.52 3.77 -10.62
N VAL A 209 -1.72 3.82 -10.06
CA VAL A 209 -1.86 3.95 -8.61
C VAL A 209 -2.55 2.68 -8.14
N ASP A 210 -1.76 1.72 -7.66
CA ASP A 210 -2.28 0.43 -7.22
C ASP A 210 -2.93 0.53 -5.85
N SER A 211 -4.21 0.18 -5.77
CA SER A 211 -4.94 0.21 -4.51
C SER A 211 -5.11 1.64 -4.00
N VAL A 212 -5.73 2.48 -4.81
CA VAL A 212 -5.95 3.86 -4.44
C VAL A 212 -6.83 4.01 -3.22
N THR A 213 -7.96 3.31 -3.18
CA THR A 213 -8.87 3.42 -2.04
C THR A 213 -8.31 2.87 -0.71
N SER A 214 -7.32 2.01 -0.80
CA SER A 214 -6.71 1.35 0.36
C SER A 214 -6.47 2.08 1.66
N HIS A 215 -5.61 3.07 1.63
CA HIS A 215 -5.33 3.77 2.87
C HIS A 215 -6.55 4.45 3.38
N PHE A 216 -7.39 4.98 2.50
CA PHE A 216 -8.60 5.65 2.97
C PHE A 216 -9.49 4.75 3.81
N ARG A 217 -9.70 3.52 3.36
CA ARG A 217 -10.55 2.61 4.11
C ARG A 217 -9.87 2.33 5.44
N ALA A 218 -8.56 2.55 5.49
CA ALA A 218 -7.79 2.26 6.69
C ALA A 218 -7.75 3.40 7.71
N GLU A 219 -7.59 4.61 7.21
CA GLU A 219 -7.50 5.79 8.06
C GLU A 219 -8.88 6.40 8.27
N TYR A 220 -9.88 5.85 7.62
CA TYR A 220 -11.25 6.34 7.73
C TYR A 220 -12.16 5.13 7.65
N PRO A 221 -12.04 4.25 8.62
CA PRO A 221 -12.84 3.02 8.70
C PRO A 221 -14.24 3.27 9.22
N GLY A 222 -15.08 2.24 9.16
CA GLY A 222 -16.44 2.35 9.63
C GLY A 222 -17.34 3.17 8.72
N ARG A 223 -18.61 3.21 9.08
CA ARG A 223 -19.62 3.93 8.31
C ARG A 223 -19.78 5.33 8.86
N GLU A 224 -19.06 5.60 9.93
CA GLU A 224 -19.05 6.89 10.58
C GLU A 224 -18.25 7.88 9.74
N ASN A 225 -17.20 7.42 9.08
CA ASN A 225 -16.36 8.31 8.26
C ASN A 225 -16.78 8.30 6.79
N LEU A 226 -17.60 7.32 6.42
CA LEU A 226 -18.04 7.17 5.02
C LEU A 226 -18.11 8.42 4.17
N ALA A 227 -18.78 9.42 4.69
CA ALA A 227 -18.94 10.68 3.98
C ALA A 227 -17.60 11.38 3.71
N VAL A 228 -16.77 11.50 4.73
CA VAL A 228 -15.48 12.20 4.56
C VAL A 228 -14.50 11.41 3.71
N ARG A 229 -14.60 10.10 3.86
CA ARG A 229 -13.76 9.14 3.13
C ARG A 229 -14.04 9.31 1.64
N GLN A 230 -15.32 9.35 1.29
CA GLN A 230 -15.70 9.56 -0.08
C GLN A 230 -15.29 10.96 -0.51
N GLN A 231 -15.61 11.97 0.31
CA GLN A 231 -15.28 13.36 -0.02
C GLN A 231 -13.82 13.50 -0.39
N LYS A 232 -12.97 12.94 0.45
CA LYS A 232 -11.53 13.02 0.26
C LYS A 232 -11.04 12.21 -0.94
N LEU A 233 -11.63 11.04 -1.11
CA LEU A 233 -11.27 10.15 -2.17
C LEU A 233 -11.74 10.67 -3.52
N ASN A 234 -13.00 11.08 -3.59
CA ASN A 234 -13.56 11.62 -4.84
C ASN A 234 -12.68 12.76 -5.33
N LYS A 235 -12.27 13.64 -4.42
CA LYS A 235 -11.40 14.77 -4.78
C LYS A 235 -10.06 14.26 -5.33
N HIS A 236 -9.53 13.19 -4.73
CA HIS A 236 -8.26 12.58 -5.12
C HIS A 236 -8.39 12.03 -6.54
N LEU A 237 -9.53 11.40 -6.81
CA LEU A 237 -9.81 10.83 -8.11
C LEU A 237 -10.11 11.87 -9.19
N HIS A 238 -10.94 12.88 -8.87
CA HIS A 238 -11.25 13.93 -9.83
C HIS A 238 -9.92 14.57 -10.24
N GLN A 239 -8.95 14.52 -9.34
CA GLN A 239 -7.67 15.09 -9.60
C GLN A 239 -6.90 14.26 -10.61
N LEU A 240 -6.79 12.97 -10.38
CA LEU A 240 -6.06 12.10 -11.32
C LEU A 240 -6.72 12.10 -12.69
N THR A 241 -8.04 12.16 -12.74
CA THR A 241 -8.72 12.16 -14.03
C THR A 241 -8.27 13.34 -14.83
N ARG A 242 -8.36 14.53 -14.26
CA ARG A 242 -7.96 15.74 -14.99
C ARG A 242 -6.56 15.60 -15.54
N LEU A 243 -5.64 15.22 -14.68
CA LEU A 243 -4.26 15.04 -15.06
C LEU A 243 -4.26 14.23 -16.35
N ALA A 244 -4.90 13.09 -16.35
CA ALA A 244 -4.91 12.25 -17.54
C ALA A 244 -5.44 12.97 -18.75
N GLU A 245 -6.51 13.75 -18.56
CA GLU A 245 -7.15 14.47 -19.64
C GLU A 245 -6.27 15.60 -20.21
N VAL A 246 -5.91 16.53 -19.34
CA VAL A 246 -5.09 17.65 -19.73
C VAL A 246 -3.75 17.25 -20.34
N TYR A 247 -3.06 16.29 -19.72
CA TYR A 247 -1.76 15.85 -20.22
C TYR A 247 -1.74 14.63 -21.12
N ASP A 248 -2.90 14.28 -21.65
CA ASP A 248 -3.04 13.18 -22.58
C ASP A 248 -2.33 11.88 -22.19
N ILE A 249 -2.56 11.41 -20.96
CA ILE A 249 -1.95 10.16 -20.52
C ILE A 249 -3.03 9.29 -19.91
N ALA A 250 -2.67 8.02 -19.69
CA ALA A 250 -3.57 7.02 -19.13
C ALA A 250 -3.33 6.78 -17.64
N VAL A 251 -4.40 6.92 -16.88
CA VAL A 251 -4.32 6.70 -15.45
C VAL A 251 -5.00 5.38 -15.13
N ILE A 252 -4.30 4.50 -14.44
CA ILE A 252 -4.89 3.24 -14.06
C ILE A 252 -4.82 3.10 -12.56
N ILE A 253 -5.92 2.64 -11.98
CA ILE A 253 -5.97 2.46 -10.54
C ILE A 253 -6.68 1.15 -10.31
N THR A 254 -6.27 0.41 -9.29
CA THR A 254 -6.95 -0.84 -8.97
C THR A 254 -7.51 -0.67 -7.57
N ASN A 255 -8.66 -1.28 -7.32
CA ASN A 255 -9.28 -1.19 -6.02
C ASN A 255 -9.47 -2.66 -5.65
N GLN A 256 -9.34 -2.99 -4.38
CA GLN A 256 -9.47 -4.39 -3.94
C GLN A 256 -10.76 -4.61 -3.16
N VAL A 257 -11.78 -5.14 -3.84
CA VAL A 257 -13.06 -5.40 -3.16
C VAL A 257 -13.35 -6.91 -3.10
N MET A 258 -14.19 -7.30 -2.14
CA MET A 258 -14.59 -8.72 -1.95
C MET A 258 -16.05 -8.98 -2.37
N LEU A 277 -20.60 3.28 -4.37
CA LEU A 277 -21.70 2.82 -5.27
C LEU A 277 -22.14 3.97 -6.21
N TYR A 278 -21.52 5.13 -6.01
CA TYR A 278 -21.77 6.36 -6.79
C TYR A 278 -20.35 6.76 -7.25
N HIS A 279 -19.79 5.91 -8.11
CA HIS A 279 -18.42 6.04 -8.62
C HIS A 279 -18.06 7.12 -9.63
N VAL A 280 -16.83 7.62 -9.49
CA VAL A 280 -16.27 8.66 -10.35
C VAL A 280 -15.57 8.10 -11.58
N PRO A 281 -14.69 7.11 -11.38
CA PRO A 281 -13.91 6.46 -12.45
C PRO A 281 -14.60 6.28 -13.80
N GLY A 282 -13.90 6.63 -14.87
CA GLY A 282 -14.45 6.48 -16.20
C GLY A 282 -14.77 5.02 -16.48
N ILE A 283 -13.72 4.24 -16.75
CA ILE A 283 -13.88 2.83 -17.05
C ILE A 283 -13.61 1.99 -15.83
N ARG A 284 -14.42 0.96 -15.68
CA ARG A 284 -14.30 0.05 -14.58
C ARG A 284 -14.45 -1.38 -15.08
N ILE A 285 -13.44 -2.19 -14.79
CA ILE A 285 -13.42 -3.58 -15.19
C ILE A 285 -13.33 -4.39 -13.92
N GLN A 286 -14.06 -5.48 -13.85
CA GLN A 286 -14.00 -6.34 -12.68
C GLN A 286 -13.22 -7.61 -13.01
N LEU A 287 -12.34 -8.04 -12.12
CA LEU A 287 -11.56 -9.23 -12.39
C LEU A 287 -11.98 -10.32 -11.43
N LYS A 288 -11.95 -11.56 -11.88
CA LYS A 288 -12.33 -12.66 -11.01
C LYS A 288 -11.35 -13.79 -11.25
N LYS A 289 -11.15 -14.63 -10.24
CA LYS A 289 -10.25 -15.74 -10.40
C LYS A 289 -11.03 -16.87 -11.06
N SER A 290 -10.37 -17.64 -11.91
CA SER A 290 -11.02 -18.74 -12.59
C SER A 290 -10.21 -20.01 -12.27
N ARG A 291 -10.42 -21.08 -13.04
CA ARG A 291 -9.65 -22.31 -12.82
C ARG A 291 -8.13 -22.04 -12.85
N GLY A 292 -7.57 -21.98 -11.66
CA GLY A 292 -6.15 -21.77 -11.49
C GLY A 292 -5.54 -20.60 -12.20
N ASN A 293 -4.85 -20.89 -13.30
CA ASN A 293 -4.15 -19.86 -14.06
C ASN A 293 -5.05 -18.80 -14.68
N ARG A 294 -6.25 -19.23 -15.07
CA ARG A 294 -7.23 -18.36 -15.75
C ARG A 294 -7.91 -17.29 -14.88
N ARG A 295 -8.41 -16.25 -15.54
CA ARG A 295 -9.07 -15.14 -14.87
C ARG A 295 -10.10 -14.56 -15.82
N ILE A 296 -11.14 -13.94 -15.28
CA ILE A 296 -12.18 -13.33 -16.11
C ILE A 296 -12.24 -11.83 -15.88
N ALA A 297 -12.35 -11.07 -16.96
CA ALA A 297 -12.44 -9.62 -16.86
C ALA A 297 -13.73 -9.14 -17.49
N ARG A 298 -14.52 -8.38 -16.73
CA ARG A 298 -15.79 -7.90 -17.24
C ARG A 298 -15.96 -6.41 -17.13
N VAL A 299 -16.52 -5.81 -18.17
CA VAL A 299 -16.78 -4.37 -18.20
C VAL A 299 -18.02 -4.10 -17.36
N VAL A 300 -17.85 -3.33 -16.28
CA VAL A 300 -18.93 -2.98 -15.36
C VAL A 300 -19.42 -1.59 -15.71
N ASP A 301 -18.51 -0.60 -15.69
CA ASP A 301 -18.85 0.78 -16.00
C ASP A 301 -18.02 1.15 -17.21
N ALA A 302 -18.62 1.87 -18.16
CA ALA A 302 -17.93 2.28 -19.38
C ALA A 302 -18.96 2.89 -20.32
N PRO A 303 -18.64 4.05 -20.89
CA PRO A 303 -19.54 4.75 -21.82
C PRO A 303 -19.50 4.23 -23.27
N HIS A 304 -18.28 4.03 -23.78
CA HIS A 304 -18.02 3.59 -25.16
C HIS A 304 -17.74 2.09 -25.33
N LEU A 305 -17.70 1.36 -24.22
CA LEU A 305 -17.44 -0.05 -24.30
C LEU A 305 -18.70 -0.84 -24.06
N PRO A 306 -18.90 -1.84 -24.90
CA PRO A 306 -20.05 -2.75 -24.88
C PRO A 306 -19.82 -3.86 -23.83
N GLU A 307 -20.84 -4.13 -23.03
CA GLU A 307 -20.72 -5.12 -21.97
C GLU A 307 -20.37 -6.53 -22.43
N GLY A 308 -19.70 -7.26 -21.53
CA GLY A 308 -19.30 -8.64 -21.80
C GLY A 308 -18.05 -9.00 -21.05
N GLU A 309 -17.88 -10.29 -20.76
CA GLU A 309 -16.66 -10.75 -20.08
C GLU A 309 -15.82 -11.60 -21.05
N VAL A 310 -14.51 -11.54 -20.85
CA VAL A 310 -13.57 -12.25 -21.67
C VAL A 310 -12.62 -12.97 -20.74
N VAL A 311 -11.92 -14.00 -21.22
CA VAL A 311 -10.97 -14.70 -20.33
C VAL A 311 -9.50 -14.61 -20.74
N PHE A 312 -8.64 -14.37 -19.76
CA PHE A 312 -7.24 -14.26 -20.02
C PHE A 312 -6.51 -15.02 -18.93
N ALA A 313 -5.18 -15.08 -19.03
CA ALA A 313 -4.38 -15.78 -18.04
C ALA A 313 -3.13 -15.05 -17.53
N LEU A 314 -2.71 -15.48 -16.35
CA LEU A 314 -1.53 -14.92 -15.72
C LEU A 314 -0.40 -15.89 -15.95
N THR A 315 0.54 -15.52 -16.83
CA THR A 315 1.68 -16.37 -17.12
C THR A 315 2.92 -15.73 -16.48
N GLU A 316 4.07 -16.33 -16.72
CA GLU A 316 5.30 -15.80 -16.19
C GLU A 316 5.70 -14.74 -17.19
N GLU A 317 5.44 -15.03 -18.46
CA GLU A 317 5.76 -14.08 -19.49
C GLU A 317 5.04 -12.79 -19.17
N GLY A 318 3.92 -12.93 -18.47
CA GLY A 318 3.12 -11.77 -18.09
C GLY A 318 1.63 -11.98 -18.33
N ILE A 319 0.97 -10.95 -18.83
CA ILE A 319 -0.46 -11.04 -19.09
C ILE A 319 -0.65 -11.54 -20.51
N ARG A 320 -1.20 -12.75 -20.65
CA ARG A 320 -1.45 -13.29 -21.98
C ARG A 320 -2.88 -13.84 -22.03
N ASP A 321 -3.22 -14.48 -23.14
CA ASP A 321 -4.55 -15.07 -23.30
C ASP A 321 -4.46 -16.50 -22.79
N ALA A 322 -5.59 -17.08 -22.37
CA ALA A 322 -5.58 -18.45 -21.85
C ALA A 322 -5.45 -19.51 -22.94
N GLU A 323 -4.98 -20.69 -22.57
CA GLU A 323 -4.83 -21.78 -23.52
C GLU A 323 -3.96 -21.34 -24.73
N LYS B 12 11.80 18.73 9.03
CA LYS B 12 10.85 17.97 9.90
C LYS B 12 10.18 18.89 10.93
N THR B 13 9.15 18.40 11.59
CA THR B 13 8.40 19.15 12.61
C THR B 13 8.07 20.61 12.22
N ILE B 14 6.91 21.08 12.69
CA ILE B 14 6.42 22.42 12.41
C ILE B 14 7.29 23.60 12.88
N ASN B 15 7.75 23.56 14.12
CA ASN B 15 8.58 24.65 14.66
C ASN B 15 9.80 24.93 13.79
N ASP B 16 10.08 24.01 12.87
CA ASP B 16 11.22 24.16 11.96
C ASP B 16 10.81 24.79 10.64
N LEU B 17 9.57 25.27 10.55
CA LEU B 17 9.08 25.89 9.32
C LEU B 17 9.70 27.25 9.04
N PRO B 18 10.25 27.43 7.83
CA PRO B 18 10.87 28.70 7.45
C PRO B 18 9.89 29.88 7.51
N GLY B 19 10.45 31.09 7.59
CA GLY B 19 9.65 32.30 7.65
C GLY B 19 8.33 32.19 8.38
N ILE B 20 8.33 31.52 9.53
CA ILE B 20 7.11 31.38 10.31
C ILE B 20 7.28 31.87 11.75
N SER B 21 6.31 32.65 12.21
CA SER B 21 6.34 33.19 13.57
C SER B 21 6.07 32.10 14.60
N GLN B 22 6.74 32.18 15.75
CA GLN B 22 6.56 31.19 16.82
C GLN B 22 5.22 31.40 17.51
N THR B 23 4.52 32.46 17.12
CA THR B 23 3.22 32.77 17.68
C THR B 23 2.18 31.85 17.03
N VAL B 24 2.20 31.80 15.69
CA VAL B 24 1.25 30.97 14.95
C VAL B 24 1.52 29.49 15.22
N ILE B 25 2.79 29.14 15.42
CA ILE B 25 3.18 27.77 15.68
C ILE B 25 2.34 27.18 16.79
N ASN B 26 1.79 28.03 17.64
CA ASN B 26 0.96 27.54 18.73
C ASN B 26 -0.48 27.35 18.27
N LYS B 27 -1.03 28.34 17.58
CA LYS B 27 -2.40 28.28 17.07
C LYS B 27 -2.56 27.11 16.10
N LEU B 28 -1.42 26.58 15.64
CA LEU B 28 -1.43 25.43 14.75
C LEU B 28 -1.42 24.16 15.56
N ILE B 29 -0.73 24.17 16.71
CA ILE B 29 -0.69 23.00 17.57
C ILE B 29 -1.93 22.95 18.46
N GLU B 30 -2.53 24.11 18.67
CA GLU B 30 -3.74 24.21 19.49
C GLU B 30 -4.98 23.95 18.66
N ALA B 31 -4.80 23.94 17.34
CA ALA B 31 -5.91 23.69 16.42
C ALA B 31 -5.89 22.21 15.99
N GLY B 32 -4.85 21.49 16.40
CA GLY B 32 -4.72 20.08 16.08
C GLY B 32 -3.82 19.71 14.90
N TYR B 33 -3.01 20.67 14.45
CA TYR B 33 -2.10 20.42 13.34
C TYR B 33 -0.68 20.19 13.84
N SER B 34 -0.43 18.96 14.28
CA SER B 34 0.87 18.55 14.83
C SER B 34 1.93 18.18 13.80
N SER B 35 1.57 17.32 12.84
CA SER B 35 2.51 16.84 11.81
C SER B 35 2.47 17.63 10.52
N LEU B 36 3.60 17.66 9.83
CA LEU B 36 3.70 18.37 8.58
C LEU B 36 2.80 17.76 7.53
N GLU B 37 2.78 16.43 7.44
CA GLU B 37 1.97 15.72 6.47
C GLU B 37 0.50 16.04 6.56
N THR B 38 0.05 16.39 7.75
CA THR B 38 -1.36 16.76 7.93
C THR B 38 -1.58 18.12 7.29
N LEU B 39 -0.57 18.97 7.39
CA LEU B 39 -0.64 20.30 6.83
C LEU B 39 -0.51 20.26 5.32
N ALA B 40 0.52 19.59 4.84
CA ALA B 40 0.79 19.49 3.42
C ALA B 40 -0.41 19.22 2.51
N VAL B 41 -1.50 18.67 3.07
CA VAL B 41 -2.67 18.36 2.25
C VAL B 41 -3.97 19.06 2.66
N ALA B 42 -3.87 19.92 3.68
CA ALA B 42 -5.03 20.65 4.18
C ALA B 42 -5.39 21.77 3.22
N SER B 43 -6.54 22.38 3.47
CA SER B 43 -7.05 23.49 2.66
C SER B 43 -6.67 24.80 3.32
N PRO B 44 -5.92 25.68 2.62
CA PRO B 44 -5.53 26.96 3.24
C PRO B 44 -6.76 27.60 3.89
N GLN B 45 -7.88 27.55 3.18
CA GLN B 45 -9.15 28.11 3.65
C GLN B 45 -9.49 27.61 5.05
N ASP B 46 -9.73 26.30 5.17
CA ASP B 46 -10.09 25.70 6.45
C ASP B 46 -9.02 25.92 7.50
N LEU B 47 -7.75 25.91 7.09
CA LEU B 47 -6.64 26.11 8.00
C LEU B 47 -6.70 27.52 8.58
N SER B 48 -7.15 28.46 7.75
CA SER B 48 -7.28 29.86 8.14
C SER B 48 -8.37 30.07 9.22
N VAL B 49 -9.44 29.29 9.13
CA VAL B 49 -10.55 29.37 10.09
C VAL B 49 -10.25 28.58 11.36
N ALA B 50 -9.74 27.37 11.17
CA ALA B 50 -9.43 26.48 12.28
C ALA B 50 -8.32 26.98 13.20
N ALA B 51 -7.26 27.56 12.63
CA ALA B 51 -6.15 28.07 13.44
C ALA B 51 -6.25 29.56 13.75
N GLY B 52 -7.15 30.26 13.06
CA GLY B 52 -7.30 31.68 13.27
C GLY B 52 -6.02 32.34 12.80
N ILE B 53 -5.73 32.15 11.53
CA ILE B 53 -4.52 32.67 10.90
C ILE B 53 -4.88 33.33 9.58
N PRO B 54 -4.13 34.38 9.19
CA PRO B 54 -4.41 35.07 7.93
C PRO B 54 -4.37 34.08 6.76
N LEU B 55 -5.40 34.15 5.91
CA LEU B 55 -5.51 33.26 4.75
C LEU B 55 -4.18 33.14 3.97
N SER B 56 -3.47 34.27 3.86
CA SER B 56 -2.18 34.36 3.16
C SER B 56 -1.08 33.53 3.82
N THR B 57 -1.17 33.39 5.13
CA THR B 57 -0.18 32.63 5.89
C THR B 57 -0.46 31.12 5.80
N ALA B 58 -1.73 30.76 5.74
CA ALA B 58 -2.14 29.37 5.63
C ALA B 58 -1.52 28.75 4.39
N GLN B 59 -1.88 29.30 3.23
CA GLN B 59 -1.35 28.80 1.97
C GLN B 59 0.19 28.75 1.94
N LYS B 60 0.82 29.40 2.91
CA LYS B 60 2.29 29.40 2.98
C LYS B 60 2.70 28.18 3.82
N ILE B 61 2.20 28.12 5.05
CA ILE B 61 2.48 27.00 5.95
C ILE B 61 2.28 25.69 5.20
N ILE B 62 1.24 25.67 4.36
CA ILE B 62 0.94 24.48 3.59
C ILE B 62 1.97 24.30 2.49
N LYS B 63 2.38 25.40 1.87
CA LYS B 63 3.38 25.31 0.81
C LYS B 63 4.67 24.79 1.43
N GLU B 64 5.09 25.45 2.51
CA GLU B 64 6.31 25.06 3.20
C GLU B 64 6.19 23.65 3.77
N ALA B 65 4.98 23.25 4.12
CA ALA B 65 4.75 21.92 4.70
C ALA B 65 4.84 20.85 3.63
N ARG B 66 4.20 21.08 2.48
CA ARG B 66 4.22 20.12 1.39
C ARG B 66 5.65 19.89 0.90
N ASP B 67 6.42 20.97 0.85
CA ASP B 67 7.83 20.95 0.42
C ASP B 67 8.67 20.15 1.42
N ALA B 68 8.27 20.22 2.68
CA ALA B 68 8.95 19.56 3.78
C ALA B 68 8.82 18.04 3.81
N LEU B 69 7.83 17.50 3.10
CA LEU B 69 7.61 16.06 3.07
C LEU B 69 8.73 15.31 2.35
N ASP B 70 9.42 16.01 1.44
CA ASP B 70 10.55 15.39 0.74
C ASP B 70 10.08 14.30 -0.23
N ILE B 71 9.21 14.68 -1.17
CA ILE B 71 8.70 13.73 -2.16
C ILE B 71 9.63 13.68 -3.38
N ARG B 72 10.27 12.54 -3.58
CA ARG B 72 11.20 12.39 -4.69
C ARG B 72 10.80 11.21 -5.58
N PHE B 73 10.54 11.48 -6.86
CA PHE B 73 10.15 10.41 -7.79
C PHE B 73 11.38 9.69 -8.34
N LYS B 74 11.83 8.67 -7.62
CA LYS B 74 13.01 7.91 -8.02
C LYS B 74 12.71 6.88 -9.08
N THR B 75 13.73 6.50 -9.81
CA THR B 75 13.56 5.52 -10.86
C THR B 75 13.49 4.14 -10.23
N ALA B 76 12.69 3.28 -10.84
CA ALA B 76 12.49 1.92 -10.39
C ALA B 76 13.81 1.18 -10.30
N LEU B 77 14.73 1.53 -11.18
CA LEU B 77 16.03 0.90 -11.20
C LEU B 77 16.83 1.28 -9.98
N GLU B 78 16.95 2.58 -9.72
CA GLU B 78 17.73 3.00 -8.56
C GLU B 78 17.17 2.41 -7.28
N VAL B 79 15.85 2.27 -7.22
CA VAL B 79 15.20 1.71 -6.03
C VAL B 79 15.61 0.25 -5.86
N LYS B 80 15.53 -0.54 -6.93
CA LYS B 80 15.92 -1.94 -6.85
C LYS B 80 17.36 -2.02 -6.32
N LYS B 81 18.21 -1.07 -6.72
CA LYS B 81 19.60 -1.08 -6.27
C LYS B 81 19.69 -0.92 -4.76
N GLU B 82 18.84 -0.08 -4.21
CA GLU B 82 18.83 0.14 -2.78
C GLU B 82 18.31 -1.08 -1.99
N ARG B 83 17.58 -1.98 -2.66
CA ARG B 83 17.05 -3.16 -1.99
C ARG B 83 18.08 -4.29 -1.76
N MET B 84 18.96 -4.50 -2.75
CA MET B 84 20.00 -5.52 -2.64
C MET B 84 21.06 -5.02 -1.66
N ASN B 85 21.13 -3.70 -1.55
CA ASN B 85 22.08 -3.01 -0.70
C ASN B 85 21.80 -3.15 0.81
N VAL B 86 20.54 -3.38 1.17
CA VAL B 86 20.13 -3.52 2.58
C VAL B 86 19.10 -4.64 2.83
N LYS B 87 19.08 -5.16 4.05
CA LYS B 87 18.14 -6.21 4.42
C LYS B 87 17.46 -5.90 5.78
N LYS B 88 16.13 -5.92 5.79
CA LYS B 88 15.33 -5.62 6.97
C LYS B 88 14.37 -6.73 7.37
N ILE B 89 13.84 -6.63 8.58
CA ILE B 89 12.89 -7.58 9.10
C ILE B 89 11.50 -6.97 9.01
N SER B 90 10.55 -7.71 8.45
CA SER B 90 9.20 -7.21 8.29
C SER B 90 8.35 -7.37 9.53
N THR B 91 7.66 -6.28 9.84
CA THR B 91 6.81 -6.16 11.02
C THR B 91 5.51 -6.96 10.97
N GLY B 92 5.10 -7.41 9.81
CA GLY B 92 3.86 -8.12 9.75
C GLY B 92 2.76 -7.21 9.24
N SER B 93 3.01 -5.91 9.23
CA SER B 93 1.99 -5.00 8.73
C SER B 93 2.65 -4.19 7.63
N GLN B 94 2.16 -4.34 6.41
CA GLN B 94 2.77 -3.62 5.29
C GLN B 94 2.71 -2.13 5.53
N ALA B 95 1.81 -1.72 6.43
CA ALA B 95 1.66 -0.32 6.81
C ALA B 95 2.92 0.03 7.54
N LEU B 96 3.03 -0.55 8.73
CA LEU B 96 4.18 -0.34 9.61
C LEU B 96 5.49 -0.45 8.88
N ASP B 97 5.59 -1.39 7.94
CA ASP B 97 6.82 -1.59 7.17
C ASP B 97 7.08 -0.45 6.23
N GLY B 98 5.99 0.12 5.70
CA GLY B 98 6.10 1.22 4.79
C GLY B 98 6.64 2.38 5.59
N LEU B 99 6.06 2.56 6.76
CA LEU B 99 6.50 3.63 7.62
C LEU B 99 7.97 3.52 7.90
N LEU B 100 8.42 2.29 8.17
CA LEU B 100 9.82 2.04 8.50
C LEU B 100 10.63 1.66 7.28
N ALA B 101 10.21 2.20 6.13
CA ALA B 101 10.91 1.99 4.86
C ALA B 101 11.39 0.58 4.60
N GLY B 102 10.54 -0.40 4.91
CA GLY B 102 10.93 -1.77 4.66
C GLY B 102 10.85 -2.65 5.89
N GLY B 103 11.37 -2.15 7.02
CA GLY B 103 11.30 -2.92 8.25
C GLY B 103 12.35 -2.56 9.26
N ILE B 104 12.45 -3.35 10.32
CA ILE B 104 13.48 -3.10 11.32
C ILE B 104 14.84 -3.34 10.61
N GLU B 105 15.71 -2.35 10.66
CA GLU B 105 17.01 -2.47 10.03
C GLU B 105 18.09 -3.07 10.96
N THR B 106 19.13 -3.69 10.40
CA THR B 106 20.22 -4.24 11.21
C THR B 106 21.28 -3.14 11.28
N ARG B 107 22.41 -3.40 11.96
CA ARG B 107 23.46 -2.38 12.09
C ARG B 107 22.92 -1.15 12.84
N THR B 108 21.71 -1.26 13.38
CA THR B 108 21.09 -0.16 14.08
C THR B 108 20.03 -0.59 15.09
N MET B 109 19.83 0.27 16.08
CA MET B 109 18.92 0.06 17.18
C MET B 109 17.63 0.85 16.99
N THR B 110 16.49 0.21 17.20
CA THR B 110 15.21 0.89 17.05
C THR B 110 14.38 0.79 18.35
N GLU B 111 13.87 1.92 18.79
CA GLU B 111 13.09 1.97 20.00
C GLU B 111 11.59 2.11 19.69
N PHE B 112 10.77 1.43 20.47
CA PHE B 112 9.34 1.53 20.35
C PHE B 112 8.87 1.94 21.73
N PHE B 113 8.31 3.14 21.87
CA PHE B 113 7.84 3.63 23.16
C PHE B 113 6.40 4.04 23.14
N GLY B 114 5.71 3.84 24.24
CA GLY B 114 4.32 4.21 24.25
C GLY B 114 3.68 3.68 25.50
N GLU B 115 2.43 4.05 25.75
CA GLU B 115 1.70 3.59 26.93
C GLU B 115 1.47 2.08 26.90
N PHE B 116 1.28 1.52 28.08
CA PHE B 116 1.03 0.10 28.24
C PHE B 116 -0.11 -0.36 27.33
N GLY B 117 0.15 -1.29 26.43
CA GLY B 117 -0.91 -1.78 25.55
C GLY B 117 -0.90 -1.19 24.15
N SER B 118 0.04 -0.29 23.90
CA SER B 118 0.16 0.34 22.61
C SER B 118 0.59 -0.63 21.52
N GLY B 119 1.07 -1.82 21.93
CA GLY B 119 1.48 -2.82 20.96
C GLY B 119 2.96 -3.11 20.95
N LYS B 120 3.67 -2.55 21.92
CA LYS B 120 5.11 -2.74 21.95
C LYS B 120 5.40 -4.22 22.08
N THR B 121 4.83 -4.86 23.09
CA THR B 121 5.06 -6.28 23.32
C THR B 121 4.74 -7.14 22.11
N GLN B 122 3.52 -7.03 21.64
CA GLN B 122 3.11 -7.80 20.50
C GLN B 122 4.18 -7.70 19.44
N LEU B 123 4.59 -6.47 19.21
CA LEU B 123 5.59 -6.18 18.20
C LEU B 123 6.91 -6.92 18.40
N CYS B 124 7.40 -6.95 19.63
CA CYS B 124 8.64 -7.63 19.94
C CYS B 124 8.54 -9.10 19.65
N HIS B 125 7.43 -9.70 20.06
CA HIS B 125 7.22 -11.11 19.80
C HIS B 125 7.14 -11.31 18.30
N GLN B 126 6.30 -10.52 17.65
CA GLN B 126 6.19 -10.67 16.21
C GLN B 126 7.52 -10.61 15.48
N LEU B 127 8.46 -9.84 16.02
CA LEU B 127 9.75 -9.73 15.36
C LEU B 127 10.63 -10.87 15.76
N SER B 128 10.34 -11.49 16.87
CA SER B 128 11.20 -12.59 17.26
C SER B 128 10.78 -13.82 16.50
N VAL B 129 10.00 -13.65 15.45
CA VAL B 129 9.57 -14.81 14.68
C VAL B 129 9.81 -14.52 13.22
N ASN B 130 9.40 -13.33 12.79
CA ASN B 130 9.61 -12.95 11.42
C ASN B 130 11.11 -12.97 11.09
N VAL B 131 11.95 -12.75 12.11
CA VAL B 131 13.39 -12.74 11.88
C VAL B 131 13.85 -14.08 11.30
N GLN B 132 13.24 -15.17 11.76
CA GLN B 132 13.60 -16.48 11.28
C GLN B 132 13.13 -16.74 9.84
N LEU B 133 12.18 -15.97 9.32
CA LEU B 133 11.73 -16.22 7.93
C LEU B 133 12.79 -15.83 6.92
N PRO B 134 12.74 -16.44 5.72
CA PRO B 134 13.74 -16.12 4.69
C PRO B 134 13.42 -14.78 4.02
N PRO B 135 14.44 -14.09 3.49
CA PRO B 135 14.28 -12.80 2.83
C PRO B 135 13.09 -12.66 1.91
N GLU B 136 12.65 -13.79 1.35
CA GLU B 136 11.48 -13.80 0.47
C GLU B 136 10.21 -13.48 1.26
N LYS B 137 10.07 -14.09 2.42
CA LYS B 137 8.89 -13.86 3.25
C LYS B 137 9.01 -12.67 4.23
N GLY B 138 10.15 -11.99 4.18
CA GLY B 138 10.35 -10.84 5.04
C GLY B 138 11.38 -10.98 6.15
N GLY B 139 11.94 -12.17 6.34
CA GLY B 139 12.92 -12.38 7.39
C GLY B 139 14.40 -12.25 7.00
N LEU B 140 15.25 -12.93 7.76
CA LEU B 140 16.69 -12.91 7.55
C LEU B 140 17.31 -14.26 7.87
N SER B 141 16.45 -15.27 8.02
CA SER B 141 16.88 -16.63 8.34
C SER B 141 17.87 -16.64 9.48
N GLY B 142 17.50 -15.93 10.55
CA GLY B 142 18.33 -15.81 11.72
C GLY B 142 17.55 -16.10 12.98
N LYS B 143 18.22 -16.04 14.13
CA LYS B 143 17.62 -16.32 15.43
C LYS B 143 17.42 -15.02 16.18
N ALA B 144 16.91 -15.13 17.40
CA ALA B 144 16.69 -13.93 18.20
C ALA B 144 17.01 -14.14 19.67
N VAL B 145 17.38 -13.04 20.32
CA VAL B 145 17.68 -13.05 21.74
C VAL B 145 16.62 -12.14 22.35
N TYR B 146 15.84 -12.71 23.26
CA TYR B 146 14.80 -11.95 23.90
C TYR B 146 15.13 -11.71 25.34
N ILE B 147 15.69 -10.54 25.64
CA ILE B 147 16.04 -10.22 27.02
C ILE B 147 14.79 -9.67 27.71
N ASP B 148 14.23 -10.49 28.59
CA ASP B 148 12.99 -10.17 29.28
C ASP B 148 13.22 -9.48 30.62
N THR B 149 12.96 -8.19 30.59
CA THR B 149 13.15 -7.28 31.70
C THR B 149 12.11 -7.35 32.81
N GLU B 150 10.84 -7.40 32.43
CA GLU B 150 9.76 -7.43 33.42
C GLU B 150 8.86 -8.66 33.40
N GLY B 151 9.31 -9.74 32.75
CA GLY B 151 8.52 -10.96 32.66
C GLY B 151 7.30 -10.76 31.77
N THR B 152 7.55 -10.39 30.52
CA THR B 152 6.49 -10.13 29.55
C THR B 152 6.32 -11.24 28.49
N PHE B 153 7.39 -12.01 28.26
CA PHE B 153 7.38 -13.07 27.26
C PHE B 153 6.18 -13.94 27.47
N ARG B 154 5.44 -14.21 26.39
CA ARG B 154 4.25 -15.07 26.45
C ARG B 154 4.51 -16.24 25.53
N TRP B 155 4.94 -17.37 26.08
CA TRP B 155 5.23 -18.52 25.24
C TRP B 155 4.06 -18.88 24.34
N GLU B 156 2.89 -18.32 24.63
CA GLU B 156 1.69 -18.57 23.84
C GLU B 156 1.62 -17.67 22.62
N ARG B 157 1.87 -16.39 22.84
CA ARG B 157 1.84 -15.41 21.77
C ARG B 157 2.80 -15.75 20.64
N ILE B 158 3.86 -16.46 20.97
CA ILE B 158 4.82 -16.86 19.97
C ILE B 158 4.17 -17.99 19.20
N GLU B 159 3.37 -18.77 19.90
CA GLU B 159 2.70 -19.91 19.30
C GLU B 159 1.74 -19.47 18.21
N ASN B 160 0.75 -18.69 18.57
CA ASN B 160 -0.24 -18.22 17.60
C ASN B 160 0.48 -17.60 16.39
N MET B 161 1.35 -16.63 16.63
CA MET B 161 2.07 -15.98 15.53
C MET B 161 2.73 -17.01 14.68
N ALA B 162 3.31 -18.01 15.33
CA ALA B 162 3.99 -19.09 14.65
C ALA B 162 3.04 -19.81 13.70
N LYS B 163 1.93 -20.33 14.24
CA LYS B 163 0.94 -21.04 13.42
C LYS B 163 0.59 -20.22 12.19
N ALA B 164 -0.02 -19.05 12.40
CA ALA B 164 -0.42 -18.19 11.31
C ALA B 164 0.58 -18.10 10.15
N LEU B 165 1.83 -18.48 10.41
CA LEU B 165 2.86 -18.46 9.39
C LEU B 165 3.14 -19.86 8.91
N GLY B 166 2.33 -20.80 9.35
CA GLY B 166 2.51 -22.19 8.97
C GLY B 166 3.87 -22.73 9.37
N LEU B 167 4.46 -22.13 10.39
CA LEU B 167 5.78 -22.54 10.87
C LEU B 167 5.69 -23.59 11.96
N ASP B 168 6.83 -24.18 12.31
CA ASP B 168 6.88 -25.22 13.33
C ASP B 168 7.00 -24.60 14.73
N ILE B 169 5.94 -24.67 15.52
CA ILE B 169 5.95 -24.10 16.87
C ILE B 169 7.27 -24.37 17.57
N ASP B 170 7.56 -25.64 17.79
CA ASP B 170 8.79 -26.05 18.46
C ASP B 170 10.02 -25.39 17.91
N ASN B 171 10.23 -25.47 16.60
CA ASN B 171 11.42 -24.90 15.96
C ASN B 171 11.49 -23.41 16.16
N VAL B 172 10.36 -22.75 15.99
CA VAL B 172 10.32 -21.31 16.16
C VAL B 172 10.88 -20.94 17.51
N MET B 173 10.38 -21.60 18.54
CA MET B 173 10.80 -21.34 19.91
C MET B 173 12.25 -21.74 20.16
N ASN B 174 12.76 -22.67 19.37
CA ASN B 174 14.12 -23.09 19.55
C ASN B 174 15.08 -22.11 18.96
N ASN B 175 14.58 -21.16 18.16
CA ASN B 175 15.45 -20.14 17.55
C ASN B 175 15.36 -18.79 18.22
N ILE B 176 14.84 -18.81 19.44
CA ILE B 176 14.66 -17.62 20.23
C ILE B 176 15.42 -17.86 21.53
N TYR B 177 16.45 -17.06 21.76
CA TYR B 177 17.23 -17.14 22.99
C TYR B 177 16.47 -16.31 24.03
N TYR B 178 16.21 -16.90 25.19
CA TYR B 178 15.45 -16.16 26.15
C TYR B 178 16.18 -16.08 27.44
N ILE B 179 16.09 -14.92 28.10
CA ILE B 179 16.77 -14.76 29.38
C ILE B 179 16.11 -13.67 30.22
N ARG B 180 15.81 -13.99 31.48
CA ARG B 180 15.19 -13.03 32.35
C ARG B 180 16.29 -12.17 32.87
N ALA B 181 16.05 -10.87 32.95
CA ALA B 181 17.02 -9.92 33.50
C ALA B 181 16.31 -9.35 34.69
N ILE B 182 16.56 -9.89 35.86
CA ILE B 182 15.89 -9.44 37.08
C ILE B 182 16.14 -7.99 37.55
N ASN B 183 17.33 -7.45 37.31
CA ASN B 183 17.64 -6.09 37.70
C ASN B 183 18.67 -5.50 36.73
N THR B 184 19.02 -4.20 36.92
CA THR B 184 19.97 -3.49 36.04
C THR B 184 21.29 -4.20 35.96
N ASP B 185 21.86 -4.48 37.11
CA ASP B 185 23.14 -5.16 37.13
C ASP B 185 23.11 -6.43 36.27
N HIS B 186 22.09 -7.25 36.41
CA HIS B 186 22.03 -8.43 35.57
C HIS B 186 21.77 -8.02 34.13
N GLN B 187 20.93 -7.01 33.93
CA GLN B 187 20.63 -6.55 32.58
C GLN B 187 21.94 -6.17 31.87
N ILE B 188 22.79 -5.48 32.61
CA ILE B 188 24.07 -4.99 32.12
C ILE B 188 24.97 -6.15 31.77
N ALA B 189 25.13 -7.07 32.74
CA ALA B 189 25.96 -8.27 32.57
C ALA B 189 25.51 -9.01 31.33
N ILE B 190 24.25 -9.39 31.34
CA ILE B 190 23.66 -10.07 30.20
C ILE B 190 24.08 -9.39 28.90
N VAL B 191 23.85 -8.09 28.76
CA VAL B 191 24.27 -7.46 27.52
C VAL B 191 25.77 -7.65 27.28
N ASP B 192 26.57 -7.51 28.32
CA ASP B 192 28.01 -7.70 28.18
C ASP B 192 28.33 -9.05 27.53
N ASP B 193 27.83 -10.14 28.13
CA ASP B 193 28.06 -11.49 27.61
C ASP B 193 27.47 -11.65 26.23
N LEU B 194 26.69 -10.70 25.77
CA LEU B 194 26.09 -10.87 24.46
C LEU B 194 27.16 -11.04 23.37
N GLN B 195 28.21 -10.23 23.45
CA GLN B 195 29.30 -10.27 22.48
C GLN B 195 29.79 -11.69 22.16
N GLU B 196 29.79 -12.55 23.18
CA GLU B 196 30.23 -13.95 23.04
C GLU B 196 29.24 -14.65 22.19
N LEU B 197 28.00 -14.62 22.65
CA LEU B 197 26.88 -15.29 21.98
C LEU B 197 26.84 -15.04 20.49
N VAL B 198 26.75 -13.77 20.13
CA VAL B 198 26.70 -13.39 18.74
C VAL B 198 27.89 -13.94 17.94
N SER B 199 29.05 -14.07 18.60
CA SER B 199 30.29 -14.57 18.01
C SER B 199 30.25 -16.09 17.99
N LYS B 200 29.68 -16.66 19.06
CA LYS B 200 29.56 -18.11 19.16
C LYS B 200 28.52 -18.57 18.15
N ASP B 201 27.44 -17.79 17.98
CA ASP B 201 26.35 -18.13 17.06
C ASP B 201 25.99 -16.99 16.11
N PRO B 202 26.71 -16.86 14.99
CA PRO B 202 26.47 -15.80 14.00
C PRO B 202 25.11 -15.83 13.30
N SER B 203 24.23 -16.74 13.71
CA SER B 203 22.92 -16.81 13.07
C SER B 203 21.96 -15.85 13.77
N ILE B 204 22.29 -15.46 14.98
CA ILE B 204 21.47 -14.53 15.70
C ILE B 204 21.47 -13.26 14.88
N LYS B 205 20.31 -12.63 14.74
CA LYS B 205 20.25 -11.40 13.99
C LYS B 205 19.29 -10.41 14.62
N LEU B 206 18.62 -10.84 15.69
CA LEU B 206 17.70 -9.92 16.35
C LEU B 206 17.87 -9.90 17.86
N ILE B 207 18.27 -8.76 18.41
CA ILE B 207 18.36 -8.65 19.86
C ILE B 207 17.13 -7.85 20.29
N VAL B 208 16.38 -8.37 21.26
CA VAL B 208 15.19 -7.70 21.73
C VAL B 208 15.29 -7.48 23.21
N VAL B 209 15.34 -6.23 23.64
CA VAL B 209 15.37 -5.92 25.09
C VAL B 209 14.08 -5.19 25.38
N ASP B 210 13.07 -5.87 25.92
CA ASP B 210 11.79 -5.21 26.21
C ASP B 210 11.78 -4.49 27.55
N SER B 211 11.59 -3.17 27.49
CA SER B 211 11.54 -2.28 28.66
C SER B 211 12.92 -2.11 29.20
N VAL B 212 13.83 -1.60 28.37
CA VAL B 212 15.23 -1.38 28.75
C VAL B 212 15.37 -0.47 29.93
N THR B 213 14.74 0.69 29.82
CA THR B 213 14.77 1.71 30.87
C THR B 213 14.16 1.28 32.21
N SER B 214 13.24 0.33 32.17
CA SER B 214 12.53 -0.16 33.36
C SER B 214 13.28 -0.25 34.69
N HIS B 215 14.22 -1.19 34.78
CA HIS B 215 14.98 -1.35 36.01
C HIS B 215 15.75 -0.13 36.46
N PHE B 216 16.19 0.70 35.52
CA PHE B 216 16.87 1.93 35.89
C PHE B 216 15.90 2.85 36.62
N ARG B 217 14.75 3.11 36.03
CA ARG B 217 13.77 3.98 36.65
C ARG B 217 13.42 3.46 38.03
N ALA B 218 13.58 2.17 38.25
CA ALA B 218 13.23 1.60 39.54
C ALA B 218 14.33 1.64 40.55
N GLU B 219 15.55 1.42 40.10
CA GLU B 219 16.68 1.40 41.01
C GLU B 219 17.29 2.78 41.17
N TYR B 220 16.77 3.75 40.43
CA TYR B 220 17.28 5.12 40.47
C TYR B 220 16.09 6.04 40.24
N PRO B 221 15.08 5.99 41.12
CA PRO B 221 13.88 6.82 40.99
C PRO B 221 14.06 8.27 41.40
N GLY B 222 13.03 9.05 41.09
CA GLY B 222 13.01 10.46 41.42
C GLY B 222 13.82 11.34 40.51
N ARG B 223 13.50 12.64 40.59
CA ARG B 223 14.18 13.67 39.82
C ARG B 223 15.54 13.93 40.48
N GLU B 224 15.75 13.27 41.61
CA GLU B 224 16.98 13.38 42.36
C GLU B 224 18.11 12.59 41.72
N ASN B 225 17.77 11.48 41.06
CA ASN B 225 18.80 10.65 40.41
C ASN B 225 18.79 10.72 38.88
N LEU B 226 17.73 11.29 38.32
CA LEU B 226 17.56 11.44 36.88
C LEU B 226 18.87 11.54 36.11
N ALA B 227 19.77 12.39 36.57
CA ALA B 227 21.04 12.57 35.91
C ALA B 227 21.83 11.26 35.81
N VAL B 228 22.01 10.59 36.93
CA VAL B 228 22.76 9.33 36.94
C VAL B 228 22.00 8.20 36.26
N ARG B 229 20.67 8.23 36.40
CA ARG B 229 19.81 7.23 35.82
C ARG B 229 20.05 7.23 34.33
N GLN B 230 20.14 8.42 33.76
CA GLN B 230 20.37 8.54 32.34
C GLN B 230 21.83 8.30 31.97
N GLN B 231 22.74 8.68 32.85
CA GLN B 231 24.17 8.49 32.59
C GLN B 231 24.36 7.00 32.37
N LYS B 232 23.85 6.20 33.31
CA LYS B 232 23.93 4.74 33.25
C LYS B 232 23.16 4.12 32.08
N LEU B 233 21.88 4.41 31.98
CA LEU B 233 21.07 3.90 30.90
C LEU B 233 21.67 4.22 29.50
N ASN B 234 22.13 5.46 29.31
CA ASN B 234 22.69 5.85 28.03
C ASN B 234 23.95 5.05 27.75
N LYS B 235 24.71 4.73 28.80
CA LYS B 235 25.94 3.96 28.60
C LYS B 235 25.57 2.56 28.17
N HIS B 236 24.45 2.07 28.73
CA HIS B 236 23.93 0.74 28.41
C HIS B 236 23.47 0.72 26.95
N LEU B 237 22.80 1.78 26.52
CA LEU B 237 22.31 1.87 25.16
C LEU B 237 23.41 2.02 24.14
N HIS B 238 24.41 2.85 24.43
CA HIS B 238 25.53 3.02 23.50
C HIS B 238 26.15 1.67 23.28
N GLN B 239 26.06 0.86 24.33
CA GLN B 239 26.59 -0.50 24.32
C GLN B 239 25.83 -1.39 23.36
N LEU B 240 24.52 -1.49 23.54
CA LEU B 240 23.70 -2.29 22.64
C LEU B 240 23.82 -1.78 21.21
N THR B 241 23.91 -0.47 21.02
CA THR B 241 24.04 0.06 19.67
C THR B 241 25.27 -0.49 18.97
N ARG B 242 26.43 -0.32 19.58
CA ARG B 242 27.68 -0.84 19.02
C ARG B 242 27.54 -2.30 18.59
N LEU B 243 27.14 -3.14 19.54
CA LEU B 243 26.94 -4.54 19.27
C LEU B 243 26.22 -4.70 17.95
N ALA B 244 25.06 -4.12 17.83
CA ALA B 244 24.27 -4.23 16.61
C ALA B 244 25.08 -3.85 15.36
N GLU B 245 25.84 -2.75 15.45
CA GLU B 245 26.66 -2.27 14.34
C GLU B 245 27.77 -3.25 13.99
N VAL B 246 28.65 -3.48 14.97
CA VAL B 246 29.79 -4.38 14.81
C VAL B 246 29.41 -5.77 14.31
N TYR B 247 28.44 -6.41 14.96
CA TYR B 247 28.02 -7.76 14.59
C TYR B 247 26.88 -7.89 13.60
N ASP B 248 26.57 -6.79 12.93
CA ASP B 248 25.52 -6.73 11.94
C ASP B 248 24.19 -7.35 12.33
N ILE B 249 23.64 -6.94 13.47
CA ILE B 249 22.33 -7.45 13.85
C ILE B 249 21.40 -6.29 14.18
N ALA B 250 20.16 -6.64 14.48
CA ALA B 250 19.17 -5.65 14.82
C ALA B 250 18.78 -5.68 16.32
N VAL B 251 18.85 -4.50 16.95
CA VAL B 251 18.52 -4.37 18.35
C VAL B 251 17.26 -3.53 18.42
N ILE B 252 16.27 -4.07 19.10
CA ILE B 252 15.00 -3.41 19.31
C ILE B 252 14.87 -3.27 20.79
N ILE B 253 14.42 -2.11 21.21
CA ILE B 253 14.17 -1.87 22.63
C ILE B 253 12.85 -1.19 22.69
N THR B 254 12.12 -1.42 23.77
CA THR B 254 10.82 -0.77 23.93
C THR B 254 10.86 -0.05 25.24
N ASN B 255 10.19 1.09 25.31
CA ASN B 255 10.17 1.93 26.50
C ASN B 255 8.73 2.28 26.78
N GLN B 256 8.32 2.22 28.03
CA GLN B 256 6.95 2.51 28.33
C GLN B 256 6.75 3.89 28.90
N VAL B 257 6.26 4.80 28.09
CA VAL B 257 6.02 6.16 28.54
C VAL B 257 4.53 6.51 28.45
N MET B 258 4.11 7.51 29.23
CA MET B 258 2.72 7.95 29.23
C MET B 258 2.53 9.37 28.65
N ALA B 259 1.49 9.54 27.83
CA ALA B 259 1.14 10.85 27.23
C ALA B 259 -0.34 10.91 26.84
N HIS B 275 15.27 23.27 22.93
CA HIS B 275 14.93 22.25 23.98
C HIS B 275 15.05 20.84 23.42
N THR B 276 15.20 20.74 22.10
CA THR B 276 15.33 19.45 21.42
C THR B 276 16.13 18.44 22.26
N LEU B 277 15.39 17.61 23.00
CA LEU B 277 15.95 16.61 23.90
C LEU B 277 16.87 15.58 23.24
N TYR B 278 17.95 15.25 23.96
CA TYR B 278 18.94 14.29 23.52
C TYR B 278 18.59 12.84 23.83
N HIS B 279 18.65 12.03 22.77
CA HIS B 279 18.38 10.59 22.79
C HIS B 279 19.51 9.88 22.04
N VAL B 280 19.82 8.67 22.48
CA VAL B 280 20.86 7.83 21.89
C VAL B 280 20.37 7.05 20.66
N PRO B 281 19.24 6.32 20.84
CA PRO B 281 18.56 5.48 19.83
C PRO B 281 18.52 6.00 18.41
N GLY B 282 18.94 5.15 17.48
CA GLY B 282 18.92 5.54 16.09
C GLY B 282 17.52 5.93 15.71
N ILE B 283 16.65 4.93 15.61
CA ILE B 283 15.27 5.15 15.22
C ILE B 283 14.36 5.09 16.43
N ARG B 284 13.34 5.93 16.44
CA ARG B 284 12.40 5.95 17.52
C ARG B 284 11.00 6.07 16.95
N ILE B 285 10.11 5.18 17.31
CA ILE B 285 8.75 5.22 16.82
C ILE B 285 7.85 5.28 18.05
N GLN B 286 6.79 6.07 17.98
CA GLN B 286 5.87 6.16 19.10
C GLN B 286 4.61 5.43 18.71
N LEU B 287 4.10 4.60 19.61
CA LEU B 287 2.90 3.84 19.33
C LEU B 287 1.76 4.39 20.16
N LYS B 288 0.57 4.43 19.59
CA LYS B 288 -0.56 4.94 20.34
C LYS B 288 -1.71 4.00 20.15
N LYS B 289 -2.61 3.94 21.12
CA LYS B 289 -3.76 3.08 21.01
C LYS B 289 -4.76 3.84 20.17
N SER B 290 -5.64 3.10 19.49
CA SER B 290 -6.65 3.71 18.64
C SER B 290 -7.95 2.96 18.92
N ARG B 291 -8.89 3.02 17.99
CA ARG B 291 -10.18 2.34 18.16
C ARG B 291 -9.99 0.85 18.42
N GLY B 292 -10.08 0.46 19.67
CA GLY B 292 -9.94 -0.94 20.06
C GLY B 292 -8.77 -1.71 19.48
N ASN B 293 -9.05 -2.44 18.41
CA ASN B 293 -8.10 -3.28 17.69
C ASN B 293 -6.89 -2.54 17.05
N ARG B 294 -7.14 -1.33 16.58
CA ARG B 294 -6.17 -0.53 15.86
C ARG B 294 -5.14 0.18 16.72
N ARG B 295 -4.01 0.55 16.10
CA ARG B 295 -2.89 1.24 16.76
C ARG B 295 -2.20 2.14 15.74
N ILE B 296 -1.66 3.28 16.18
CA ILE B 296 -0.97 4.22 15.27
C ILE B 296 0.51 4.24 15.61
N ALA B 297 1.35 4.28 14.60
CA ALA B 297 2.78 4.31 14.84
C ALA B 297 3.37 5.50 14.12
N ARG B 298 4.10 6.34 14.85
CA ARG B 298 4.71 7.49 14.19
C ARG B 298 6.21 7.63 14.38
N VAL B 299 6.90 7.98 13.30
CA VAL B 299 8.33 8.18 13.39
C VAL B 299 8.60 9.51 14.06
N VAL B 300 9.29 9.44 15.19
CA VAL B 300 9.68 10.60 16.00
C VAL B 300 11.12 11.00 15.70
N ASP B 301 12.04 10.07 15.91
CA ASP B 301 13.45 10.32 15.63
C ASP B 301 13.88 9.33 14.57
N ALA B 302 14.62 9.80 13.59
CA ALA B 302 15.10 8.95 12.50
C ALA B 302 15.92 9.78 11.51
N PRO B 303 17.07 9.26 11.07
CA PRO B 303 17.92 9.98 10.12
C PRO B 303 17.41 9.92 8.68
N HIS B 304 17.21 8.69 8.21
CA HIS B 304 16.78 8.43 6.85
C HIS B 304 15.30 8.13 6.69
N LEU B 305 14.56 8.14 7.78
CA LEU B 305 13.13 7.88 7.67
C LEU B 305 12.31 9.16 7.68
N PRO B 306 11.44 9.32 6.67
CA PRO B 306 10.58 10.50 6.57
C PRO B 306 9.39 10.39 7.52
N GLU B 307 9.13 11.49 8.22
CA GLU B 307 8.08 11.60 9.22
C GLU B 307 6.67 11.29 8.70
N GLY B 308 5.84 10.79 9.61
CA GLY B 308 4.47 10.45 9.28
C GLY B 308 3.97 9.28 10.12
N GLU B 309 2.65 9.23 10.35
CA GLU B 309 2.10 8.12 11.12
C GLU B 309 1.22 7.24 10.25
N VAL B 310 1.27 5.96 10.55
CA VAL B 310 0.51 5.00 9.79
C VAL B 310 -0.23 4.16 10.80
N VAL B 311 -1.27 3.45 10.38
CA VAL B 311 -2.03 2.63 11.31
C VAL B 311 -1.97 1.13 10.99
N PHE B 312 -1.93 0.33 12.04
CA PHE B 312 -1.87 -1.10 11.86
C PHE B 312 -2.69 -1.72 12.98
N ALA B 313 -2.72 -3.03 13.04
CA ALA B 313 -3.54 -3.61 14.06
C ALA B 313 -2.92 -4.79 14.76
N LEU B 314 -3.50 -5.13 15.91
CA LEU B 314 -3.07 -6.24 16.71
C LEU B 314 -4.09 -7.37 16.52
N THR B 315 -3.70 -8.42 15.82
CA THR B 315 -4.57 -9.55 15.60
C THR B 315 -4.08 -10.75 16.41
N GLU B 316 -4.78 -11.88 16.32
CA GLU B 316 -4.34 -13.11 17.01
C GLU B 316 -3.22 -13.65 16.12
N GLU B 317 -3.39 -13.50 14.82
CA GLU B 317 -2.40 -13.94 13.87
C GLU B 317 -1.09 -13.24 14.18
N GLY B 318 -1.18 -12.07 14.82
CA GLY B 318 0.02 -11.32 15.15
C GLY B 318 -0.11 -9.87 14.77
N ILE B 319 0.96 -9.29 14.24
CA ILE B 319 0.96 -7.88 13.83
C ILE B 319 0.58 -7.80 12.38
N ARG B 320 -0.57 -7.21 12.07
CA ARG B 320 -1.01 -7.05 10.69
C ARG B 320 -1.60 -5.65 10.49
N ASP B 321 -2.05 -5.36 9.28
CA ASP B 321 -2.65 -4.07 8.95
C ASP B 321 -4.09 -4.05 9.41
N ALA B 322 -4.66 -2.87 9.55
CA ALA B 322 -6.03 -2.80 10.00
C ALA B 322 -7.01 -3.00 8.84
N GLU B 323 -8.27 -3.31 9.18
CA GLU B 323 -9.28 -3.50 8.17
C GLU B 323 -8.79 -4.48 7.11
#